data_7D0Q
#
_entry.id   7D0Q
#
_cell.length_a   126.871
_cell.length_b   39.599
_cell.length_c   87.900
_cell.angle_alpha   90.000
_cell.angle_beta   122.890
_cell.angle_gamma   90.000
#
_symmetry.space_group_name_H-M   'C 1 2 1'
#
loop_
_entity.id
_entity.type
_entity.pdbx_description
1 polymer 'Histone acetyltransferase KAT7'
2 polymer 'BRD1 protein'
3 non-polymer 'ZINC ION'
4 non-polymer 'Butyryl Coenzyme A'
5 non-polymer 'CHLORIDE ION'
6 non-polymer 1,2-ETHANEDIOL
7 water water
#
loop_
_entity_poly.entity_id
_entity_poly.type
_entity_poly.pdbx_seq_one_letter_code
_entity_poly.pdbx_strand_id
1 'polypeptide(L)'
;MIKTIAFGRYELDTWYHSPYPEEYARLGRLYMCEFCLKYMKSQTILRRHMAKCVWKHPPGDEIYRKGSISVFEVDGKKNK
IYCQNLCLLAKLFLDH(ALY)TLYYDVEPFLFYVMTEADNTGCHLIGYFSKEKNSFLNYNVSCILTMPQYMRQGYGKMLI
DFSYLLSKVEEKVGSPERPLSDLGLISYRSYWKEVLLRYLHNFQGKEISIKEISQETAVNPVDIVSTLQALQMLKYWKGK
HLVLKRQDLIDEWIAKEAKRSNSNKTMDPSCLKWTPPKGT
;
A
2 'polypeptide(L)' LTYAQAQGMVEIEIEGRLHRISIFDPLEIILEDDLTAQEMSECNSNKENS B
#
loop_
_chem_comp.id
_chem_comp.type
_chem_comp.name
_chem_comp.formula
BCO non-polymer 'Butyryl Coenzyme A' 'C25 H42 N7 O17 P3 S'
CL non-polymer 'CHLORIDE ION' 'Cl -1'
EDO non-polymer 1,2-ETHANEDIOL 'C2 H6 O2'
ZN non-polymer 'ZINC ION' 'Zn 2'
#
# COMPACT_ATOMS: atom_id res chain seq x y z
N MET A 1 -5.93 -26.29 15.66
CA MET A 1 -5.51 -24.90 15.38
C MET A 1 -5.61 -24.60 13.88
N ILE A 2 -5.92 -23.35 13.53
CA ILE A 2 -6.34 -23.03 12.17
C ILE A 2 -5.18 -23.13 11.21
N LYS A 3 -5.38 -23.86 10.12
CA LYS A 3 -4.31 -24.08 9.16
C LYS A 3 -4.70 -23.62 7.76
N THR A 4 -5.97 -23.72 7.39
CA THR A 4 -6.40 -23.27 6.08
C THR A 4 -7.73 -22.54 6.15
N ILE A 5 -8.03 -21.81 5.08
CA ILE A 5 -9.25 -21.02 4.92
C ILE A 5 -9.84 -21.34 3.56
N ALA A 6 -11.15 -21.56 3.52
CA ALA A 6 -11.88 -21.62 2.26
C ALA A 6 -12.44 -20.23 1.98
N PHE A 7 -12.10 -19.68 0.82
CA PHE A 7 -12.42 -18.29 0.50
C PHE A 7 -12.80 -18.21 -0.96
N GLY A 8 -14.10 -18.15 -1.22
CA GLY A 8 -14.59 -18.26 -2.59
C GLY A 8 -14.11 -19.55 -3.19
N ARG A 9 -13.55 -19.48 -4.41
CA ARG A 9 -13.08 -20.68 -5.09
C ARG A 9 -11.65 -21.10 -4.71
N TYR A 10 -11.03 -20.40 -3.76
CA TYR A 10 -9.66 -20.71 -3.34
C TYR A 10 -9.64 -21.40 -1.98
N GLU A 11 -8.59 -22.18 -1.75
CA GLU A 11 -8.26 -22.72 -0.44
C GLU A 11 -6.87 -22.21 -0.06
N LEU A 12 -6.78 -21.45 1.03
CA LEU A 12 -5.60 -20.69 1.38
C LEU A 12 -4.93 -21.21 2.64
N ASP A 13 -3.62 -21.47 2.55
CA ASP A 13 -2.81 -21.81 3.72
C ASP A 13 -2.54 -20.56 4.57
N THR A 14 -2.72 -20.68 5.87
CA THR A 14 -2.49 -19.55 6.77
C THR A 14 -1.03 -19.49 7.20
N TRP A 15 -0.52 -18.27 7.38
CA TRP A 15 0.86 -18.09 7.79
C TRP A 15 1.00 -18.03 9.31
N TYR A 16 0.21 -17.20 9.97
CA TYR A 16 0.31 -17.00 11.40
C TYR A 16 -1.05 -17.24 12.04
N HIS A 17 -1.05 -17.47 13.34
CA HIS A 17 -2.31 -17.61 14.05
C HIS A 17 -3.02 -16.27 14.15
N SER A 18 -4.35 -16.34 14.15
CA SER A 18 -5.24 -15.19 14.32
C SER A 18 -6.24 -15.52 15.42
N PRO A 19 -6.60 -14.55 16.25
CA PRO A 19 -7.39 -14.85 17.46
C PRO A 19 -8.89 -15.00 17.22
N TYR A 20 -9.24 -15.94 16.34
CA TYR A 20 -10.64 -16.33 16.22
C TYR A 20 -11.08 -17.00 17.53
N PRO A 21 -12.38 -16.97 17.83
CA PRO A 21 -12.86 -17.68 19.01
C PRO A 21 -12.41 -19.14 18.99
N GLU A 22 -12.26 -19.72 20.19
CA GLU A 22 -11.75 -21.07 20.32
C GLU A 22 -12.66 -22.08 19.64
N GLU A 23 -13.96 -21.80 19.63
CA GLU A 23 -14.92 -22.66 18.94
C GLU A 23 -14.54 -22.86 17.48
N TYR A 24 -13.91 -21.84 16.89
CA TYR A 24 -13.44 -21.88 15.50
C TYR A 24 -11.97 -22.24 15.39
N ALA A 25 -11.12 -21.57 16.18
CA ALA A 25 -9.68 -21.86 16.19
C ALA A 25 -9.38 -23.33 16.48
N ARG A 26 -10.28 -24.03 17.15
CA ARG A 26 -10.13 -25.45 17.40
C ARG A 26 -10.13 -26.27 16.10
N LEU A 27 -10.81 -25.77 15.08
CA LEU A 27 -10.85 -26.44 13.79
C LEU A 27 -9.57 -26.20 13.01
N GLY A 28 -9.37 -27.01 11.97
CA GLY A 28 -8.20 -26.85 11.11
C GLY A 28 -8.48 -25.98 9.90
N ARG A 29 -9.76 -25.90 9.53
CA ARG A 29 -10.19 -25.23 8.32
C ARG A 29 -11.40 -24.36 8.65
N LEU A 30 -11.32 -23.10 8.25
CA LEU A 30 -12.40 -22.13 8.46
C LEU A 30 -12.99 -21.74 7.12
N TYR A 31 -14.31 -21.68 7.06
CA TYR A 31 -15.02 -21.28 5.84
C TYR A 31 -15.44 -19.83 5.95
N MET A 32 -15.23 -19.08 4.87
CA MET A 32 -15.51 -17.65 4.87
C MET A 32 -16.39 -17.27 3.71
N CYS A 33 -17.35 -16.40 3.98
CA CYS A 33 -18.08 -15.71 2.93
C CYS A 33 -17.12 -14.71 2.28
N GLU A 34 -16.89 -14.87 0.99
CA GLU A 34 -15.95 -14.00 0.31
C GLU A 34 -16.44 -12.55 0.17
N PHE A 35 -17.69 -12.28 0.52
CA PHE A 35 -18.25 -10.93 0.37
C PHE A 35 -18.53 -10.21 1.67
N CYS A 36 -19.11 -10.86 2.67
CA CYS A 36 -19.32 -10.18 3.95
C CYS A 36 -18.26 -10.56 4.98
N LEU A 37 -17.47 -11.59 4.70
CA LEU A 37 -16.34 -12.05 5.54
C LEU A 37 -16.76 -12.80 6.79
N LYS A 38 -18.04 -13.11 6.94
CA LYS A 38 -18.44 -13.99 8.03
C LYS A 38 -17.65 -15.31 7.93
N TYR A 39 -17.17 -15.79 9.09
CA TYR A 39 -16.47 -17.05 9.18
C TYR A 39 -17.40 -18.11 9.75
N MET A 40 -17.27 -19.33 9.25
CA MET A 40 -18.19 -20.41 9.55
C MET A 40 -17.41 -21.72 9.66
N LYS A 41 -18.08 -22.74 10.20
CA LYS A 41 -17.45 -23.98 10.63
C LYS A 41 -17.28 -25.02 9.53
N SER A 42 -18.14 -24.99 8.52
CA SER A 42 -18.18 -26.11 7.58
C SER A 42 -18.58 -25.60 6.21
N GLN A 43 -18.35 -26.44 5.20
CA GLN A 43 -18.82 -26.12 3.86
C GLN A 43 -20.34 -26.00 3.85
N THR A 44 -21.00 -26.90 4.56
CA THR A 44 -22.45 -26.89 4.65
C THR A 44 -22.95 -25.57 5.20
N ILE A 45 -22.35 -25.09 6.29
CA ILE A 45 -22.80 -23.83 6.87
C ILE A 45 -22.58 -22.68 5.87
N LEU A 46 -21.42 -22.68 5.19
CA LEU A 46 -21.15 -21.64 4.19
C LEU A 46 -22.17 -21.65 3.06
N ARG A 47 -22.50 -22.86 2.54
CA ARG A 47 -23.45 -22.97 1.44
C ARG A 47 -24.81 -22.38 1.82
N ARG A 48 -25.26 -22.63 3.04
CA ARG A 48 -26.52 -22.06 3.51
C ARG A 48 -26.40 -20.54 3.60
N HIS A 49 -25.29 -20.06 4.15
CA HIS A 49 -25.04 -18.63 4.22
C HIS A 49 -25.08 -18.00 2.83
N MET A 50 -24.36 -18.58 1.86
CA MET A 50 -24.29 -17.98 0.53
C MET A 50 -25.67 -17.88 -0.12
N ALA A 51 -26.60 -18.75 0.29
CA ALA A 51 -27.97 -18.62 -0.20
C ALA A 51 -28.68 -17.41 0.41
N LYS A 52 -28.29 -17.02 1.63
CA LYS A 52 -28.95 -15.93 2.35
C LYS A 52 -28.25 -14.58 2.20
N CYS A 53 -26.94 -14.58 1.98
CA CYS A 53 -26.16 -13.36 2.10
C CYS A 53 -26.35 -12.44 0.90
N VAL A 54 -26.73 -11.20 1.17
CA VAL A 54 -27.04 -10.26 0.10
C VAL A 54 -25.81 -9.56 -0.48
N TRP A 55 -24.69 -9.58 0.25
CA TRP A 55 -23.51 -8.80 -0.14
C TRP A 55 -22.79 -9.39 -1.35
N LYS A 56 -22.59 -8.59 -2.39
CA LYS A 56 -21.78 -8.98 -3.55
C LYS A 56 -20.55 -8.09 -3.75
N HIS A 57 -20.18 -7.32 -2.72
CA HIS A 57 -19.03 -6.41 -2.74
C HIS A 57 -18.85 -5.89 -1.31
N PRO A 58 -17.71 -5.25 -1.00
CA PRO A 58 -17.54 -4.66 0.32
C PRO A 58 -18.64 -3.65 0.63
N PRO A 59 -18.85 -3.31 1.89
CA PRO A 59 -19.72 -2.18 2.19
C PRO A 59 -19.00 -0.87 1.89
N GLY A 60 -19.55 0.25 2.32
CA GLY A 60 -18.88 1.52 2.08
C GLY A 60 -19.06 2.07 0.67
N ASP A 61 -18.32 3.13 0.40
CA ASP A 61 -18.40 3.86 -0.87
C ASP A 61 -17.33 3.39 -1.85
N GLU A 62 -17.75 3.11 -3.07
CA GLU A 62 -16.83 2.82 -4.17
C GLU A 62 -16.24 4.15 -4.61
N ILE A 63 -14.98 4.37 -4.31
CA ILE A 63 -14.34 5.64 -4.63
C ILE A 63 -13.39 5.53 -5.82
N TYR A 64 -13.03 4.32 -6.22
CA TYR A 64 -12.22 4.11 -7.41
C TYR A 64 -12.87 3.02 -8.24
N ARG A 65 -12.92 3.25 -9.54
CA ARG A 65 -13.41 2.23 -10.44
C ARG A 65 -12.75 2.44 -11.78
N LYS A 66 -11.99 1.45 -12.23
CA LYS A 66 -11.55 1.37 -13.63
C LYS A 66 -11.89 -0.02 -14.12
N GLY A 67 -12.90 -0.10 -14.97
CA GLY A 67 -13.48 -1.38 -15.41
C GLY A 67 -13.78 -2.30 -14.23
N SER A 68 -13.09 -3.43 -14.18
CA SER A 68 -13.32 -4.48 -13.18
C SER A 68 -12.60 -4.26 -11.86
N ILE A 69 -11.71 -3.26 -11.76
CA ILE A 69 -11.01 -2.98 -10.52
C ILE A 69 -11.70 -1.85 -9.77
N SER A 70 -11.98 -2.07 -8.49
CA SER A 70 -12.61 -1.10 -7.62
C SER A 70 -11.84 -0.96 -6.33
N VAL A 71 -12.02 0.18 -5.67
CA VAL A 71 -11.60 0.34 -4.28
C VAL A 71 -12.80 0.87 -3.50
N PHE A 72 -13.05 0.27 -2.34
CA PHE A 72 -14.15 0.68 -1.46
C PHE A 72 -13.58 1.25 -0.17
N GLU A 73 -14.13 2.40 0.23
CA GLU A 73 -13.73 3.05 1.46
C GLU A 73 -14.72 2.64 2.55
N VAL A 74 -14.27 1.79 3.46
CA VAL A 74 -15.11 1.31 4.53
C VAL A 74 -14.72 2.00 5.83
N ASP A 75 -15.72 2.56 6.51
CA ASP A 75 -15.54 3.22 7.80
C ASP A 75 -15.73 2.20 8.92
N GLY A 76 -14.71 2.06 9.76
CA GLY A 76 -14.73 1.04 10.81
C GLY A 76 -15.77 1.27 11.87
N LYS A 77 -16.25 2.51 12.01
CA LYS A 77 -17.35 2.83 12.93
C LYS A 77 -18.71 2.49 12.31
N LYS A 78 -18.83 2.60 11.00
CA LYS A 78 -20.08 2.28 10.31
C LYS A 78 -20.22 0.79 9.99
N ASN A 79 -19.12 0.09 9.71
CA ASN A 79 -19.16 -1.32 9.39
C ASN A 79 -18.18 -2.07 10.25
N LYS A 80 -18.42 -2.02 11.55
CA LYS A 80 -17.54 -2.63 12.55
C LYS A 80 -17.35 -4.12 12.30
N ILE A 81 -18.44 -4.82 12.02
CA ILE A 81 -18.38 -6.27 11.88
C ILE A 81 -17.52 -6.65 10.69
N TYR A 82 -17.76 -6.02 9.55
CA TYR A 82 -16.99 -6.33 8.35
C TYR A 82 -15.51 -6.05 8.59
N CYS A 83 -15.18 -4.92 9.20
CA CYS A 83 -13.77 -4.54 9.38
C CYS A 83 -13.09 -5.45 10.40
N GLN A 84 -13.78 -5.83 11.47
CA GLN A 84 -13.20 -6.80 12.39
C GLN A 84 -12.94 -8.13 11.69
N ASN A 85 -13.88 -8.58 10.87
CA ASN A 85 -13.65 -9.81 10.10
C ASN A 85 -12.42 -9.62 9.20
N LEU A 86 -12.36 -8.50 8.49
CA LEU A 86 -11.19 -8.21 7.67
C LEU A 86 -9.91 -8.25 8.49
N CYS A 87 -9.96 -7.76 9.72
CA CYS A 87 -8.75 -7.67 10.55
C CYS A 87 -8.28 -9.04 11.03
N LEU A 88 -9.22 -9.88 11.50
CA LEU A 88 -8.86 -11.24 11.86
C LEU A 88 -8.32 -12.00 10.66
N LEU A 89 -8.86 -11.71 9.47
CA LEU A 89 -8.43 -12.42 8.27
C LEU A 89 -7.01 -12.00 7.86
N ALA A 90 -6.68 -10.72 8.05
CA ALA A 90 -5.35 -10.25 7.68
C ALA A 90 -4.27 -10.77 8.63
N LYS A 91 -4.63 -11.02 9.88
CA LYS A 91 -3.65 -11.50 10.87
C LYS A 91 -3.21 -12.93 10.57
N LEU A 92 -3.96 -13.64 9.73
CA LEU A 92 -3.52 -14.94 9.24
C LEU A 92 -2.29 -14.85 8.35
N PHE A 93 -1.91 -13.64 7.94
CA PHE A 93 -0.78 -13.44 7.03
C PHE A 93 0.12 -12.28 7.44
N LEU A 94 -0.19 -11.60 8.55
CA LEU A 94 0.66 -10.55 9.10
C LEU A 94 1.29 -11.05 10.39
N ASP A 95 2.62 -10.93 10.49
CA ASP A 95 3.30 -11.35 11.70
C ASP A 95 2.99 -10.42 12.86
N HIS A 96 2.84 -9.14 12.56
CA HIS A 96 2.65 -8.12 13.59
C HIS A 96 1.54 -7.20 13.17
OH ALY A 97 -5.41 -3.66 9.26
CH ALY A 97 -5.51 -3.54 10.48
CH3 ALY A 97 -5.89 -2.23 11.15
NZ ALY A 97 -5.27 -4.60 11.29
CE ALY A 97 -4.89 -5.90 10.74
CD ALY A 97 -4.27 -6.86 11.76
CG ALY A 97 -2.90 -6.33 12.10
CB ALY A 97 -2.02 -7.37 12.72
CA ALY A 97 -0.80 -6.64 13.29
N ALY A 97 0.32 -7.49 13.63
C ALY A 97 -1.22 -5.79 14.45
O ALY A 97 -1.53 -6.27 15.54
N THR A 98 -1.27 -4.48 14.16
CA THR A 98 -1.52 -3.41 15.14
C THR A 98 -2.67 -3.71 16.11
N LEU A 99 -3.81 -4.14 15.59
CA LEU A 99 -5.02 -4.34 16.40
C LEU A 99 -6.07 -5.10 15.60
N TYR A 100 -7.10 -5.55 16.32
CA TYR A 100 -8.19 -6.34 15.74
C TYR A 100 -9.59 -5.89 16.17
N TYR A 101 -9.76 -5.43 17.42
CA TYR A 101 -11.08 -5.17 18.00
C TYR A 101 -11.59 -3.76 17.69
N ASP A 102 -10.83 -2.73 18.08
CA ASP A 102 -11.28 -1.35 17.95
C ASP A 102 -10.92 -0.81 16.56
N VAL A 103 -11.77 -1.16 15.60
CA VAL A 103 -11.60 -0.70 14.22
C VAL A 103 -12.25 0.66 13.98
N GLU A 104 -12.99 1.19 14.94
CA GLU A 104 -13.69 2.46 14.74
C GLU A 104 -12.80 3.64 14.31
N PRO A 105 -11.59 3.81 14.87
CA PRO A 105 -10.76 4.94 14.39
C PRO A 105 -10.12 4.75 13.01
N PHE A 106 -10.42 3.68 12.28
CA PHE A 106 -9.76 3.38 11.02
C PHE A 106 -10.73 3.40 9.84
N LEU A 107 -10.19 3.77 8.69
CA LEU A 107 -10.80 3.55 7.39
C LEU A 107 -10.05 2.41 6.70
N PHE A 108 -10.79 1.62 5.94
CA PHE A 108 -10.21 0.49 5.22
C PHE A 108 -10.47 0.68 3.73
N TYR A 109 -9.40 0.60 2.92
CA TYR A 109 -9.51 0.77 1.47
C TYR A 109 -9.38 -0.60 0.87
N VAL A 110 -10.51 -1.13 0.40
CA VAL A 110 -10.61 -2.54 0.01
C VAL A 110 -10.68 -2.59 -1.51
N MET A 111 -9.70 -3.27 -2.09
CA MET A 111 -9.58 -3.34 -3.54
C MET A 111 -10.22 -4.64 -4.02
N THR A 112 -11.00 -4.57 -5.10
CA THR A 112 -11.67 -5.74 -5.62
C THR A 112 -11.51 -5.88 -7.13
N GLU A 113 -11.64 -7.11 -7.61
CA GLU A 113 -11.73 -7.41 -9.01
C GLU A 113 -13.09 -8.04 -9.29
N ALA A 114 -13.80 -7.50 -10.27
CA ALA A 114 -15.16 -7.92 -10.55
C ALA A 114 -15.16 -9.00 -11.62
N ASP A 115 -16.03 -10.00 -11.44
CA ASP A 115 -16.43 -10.89 -12.51
C ASP A 115 -17.94 -11.07 -12.42
N ASN A 116 -18.50 -12.01 -13.17
CA ASN A 116 -19.96 -12.01 -13.21
C ASN A 116 -20.66 -12.49 -11.94
N THR A 117 -19.93 -12.97 -10.92
CA THR A 117 -20.59 -13.32 -9.64
C THR A 117 -20.50 -12.24 -8.59
N GLY A 118 -19.60 -11.27 -8.74
CA GLY A 118 -19.53 -10.15 -7.82
C GLY A 118 -18.16 -9.51 -7.82
N CYS A 119 -17.91 -8.69 -6.80
CA CYS A 119 -16.64 -7.98 -6.63
C CYS A 119 -15.78 -8.71 -5.60
N HIS A 120 -14.78 -9.42 -6.07
CA HIS A 120 -13.93 -10.29 -5.26
C HIS A 120 -12.75 -9.56 -4.64
N LEU A 121 -12.43 -9.92 -3.40
CA LEU A 121 -11.40 -9.25 -2.62
C LEU A 121 -10.01 -9.53 -3.17
N ILE A 122 -9.27 -8.45 -3.50
CA ILE A 122 -7.86 -8.57 -3.88
C ILE A 122 -6.95 -8.32 -2.69
N GLY A 123 -7.26 -7.27 -1.93
CA GLY A 123 -6.38 -6.81 -0.88
C GLY A 123 -6.95 -5.55 -0.28
N TYR A 124 -6.22 -5.00 0.69
CA TYR A 124 -6.67 -3.78 1.34
C TYR A 124 -5.50 -3.09 2.02
N PHE A 125 -5.74 -1.83 2.39
CA PHE A 125 -4.94 -1.18 3.40
C PHE A 125 -5.86 -0.41 4.32
N SER A 126 -5.55 -0.46 5.61
CA SER A 126 -6.22 0.38 6.59
C SER A 126 -5.45 1.68 6.76
N LYS A 127 -6.11 2.65 7.38
CA LYS A 127 -5.53 3.97 7.55
C LYS A 127 -6.21 4.63 8.75
N GLU A 128 -5.42 5.14 9.69
CA GLU A 128 -5.98 5.93 10.79
C GLU A 128 -6.78 7.11 10.26
N LYS A 129 -7.95 7.35 10.82
CA LYS A 129 -8.72 8.54 10.48
C LYS A 129 -7.97 9.81 10.86
N ASN A 130 -7.36 9.82 12.04
CA ASN A 130 -6.55 10.96 12.49
C ASN A 130 -5.28 10.43 13.13
N SER A 131 -4.17 10.50 12.38
CA SER A 131 -2.88 9.98 12.82
C SER A 131 -1.95 11.11 13.19
N PHE A 132 -1.42 11.08 14.41
CA PHE A 132 -0.48 12.11 14.81
C PHE A 132 0.82 12.04 14.00
N LEU A 133 1.25 10.83 13.64
CA LEU A 133 2.49 10.66 12.87
C LEU A 133 2.29 10.69 11.36
N ASN A 134 1.15 11.20 10.89
CA ASN A 134 0.89 11.36 9.45
C ASN A 134 1.09 10.07 8.66
N TYR A 135 0.79 8.94 9.27
CA TYR A 135 0.81 7.67 8.53
C TYR A 135 -0.38 7.60 7.59
N ASN A 136 -0.12 7.28 6.33
CA ASN A 136 -1.20 7.12 5.37
C ASN A 136 -1.52 5.66 5.08
N VAL A 137 -0.79 4.73 5.70
CA VAL A 137 -1.13 3.32 5.72
C VAL A 137 -0.84 2.79 7.12
N SER A 138 -1.76 2.00 7.67
CA SER A 138 -1.51 1.31 8.93
C SER A 138 -1.09 -0.14 8.72
N CYS A 139 -1.85 -0.87 7.91
CA CYS A 139 -1.47 -2.21 7.46
C CYS A 139 -1.88 -2.34 6.01
N ILE A 140 -1.27 -3.30 5.32
CA ILE A 140 -1.56 -3.49 3.92
C ILE A 140 -1.39 -4.97 3.60
N LEU A 141 -2.31 -5.49 2.79
CA LEU A 141 -2.27 -6.90 2.42
C LEU A 141 -2.77 -7.08 1.02
N THR A 142 -2.10 -7.96 0.28
CA THR A 142 -2.65 -8.55 -0.93
C THR A 142 -2.93 -10.00 -0.59
N MET A 143 -4.16 -10.44 -0.81
CA MET A 143 -4.52 -11.84 -0.55
C MET A 143 -3.55 -12.78 -1.26
N PRO A 144 -3.21 -13.94 -0.65
CA PRO A 144 -2.21 -14.84 -1.24
C PRO A 144 -2.43 -15.21 -2.69
N GLN A 145 -3.68 -15.48 -3.10
CA GLN A 145 -3.95 -15.91 -4.47
C GLN A 145 -3.68 -14.81 -5.47
N TYR A 146 -3.44 -13.60 -4.97
CA TYR A 146 -3.20 -12.43 -5.79
C TYR A 146 -1.77 -11.91 -5.69
N MET A 147 -0.96 -12.45 -4.78
CA MET A 147 0.36 -11.87 -4.51
C MET A 147 1.31 -11.97 -5.70
N ARG A 148 2.20 -10.98 -5.79
CA ARG A 148 3.25 -10.95 -6.81
C ARG A 148 2.68 -10.79 -8.22
N GLN A 149 1.64 -9.97 -8.34
CA GLN A 149 1.08 -9.63 -9.64
C GLN A 149 0.99 -8.11 -9.86
N GLY A 150 1.50 -7.32 -8.91
CA GLY A 150 1.47 -5.86 -9.02
C GLY A 150 0.33 -5.16 -8.34
N TYR A 151 -0.56 -5.89 -7.66
CA TYR A 151 -1.67 -5.25 -6.95
C TYR A 151 -1.19 -4.57 -5.67
N GLY A 152 -0.18 -5.12 -5.00
CA GLY A 152 0.37 -4.46 -3.82
C GLY A 152 0.86 -3.05 -4.15
N LYS A 153 1.56 -2.92 -5.28
CA LYS A 153 2.04 -1.61 -5.70
C LYS A 153 0.89 -0.68 -6.07
N MET A 154 -0.18 -1.23 -6.64
CA MET A 154 -1.38 -0.41 -6.90
C MET A 154 -1.99 0.07 -5.59
N LEU A 155 -2.03 -0.80 -4.59
CA LEU A 155 -2.52 -0.39 -3.26
C LEU A 155 -1.64 0.71 -2.67
N ILE A 156 -0.31 0.53 -2.74
CA ILE A 156 0.59 1.57 -2.23
C ILE A 156 0.37 2.86 -3.01
N ASP A 157 0.41 2.75 -4.34
CA ASP A 157 0.19 3.92 -5.19
C ASP A 157 -1.11 4.64 -4.81
N PHE A 158 -2.18 3.87 -4.56
CA PHE A 158 -3.47 4.47 -4.21
C PHE A 158 -3.40 5.20 -2.87
N SER A 159 -2.65 4.66 -1.92
CA SER A 159 -2.54 5.34 -0.62
C SER A 159 -1.89 6.72 -0.77
N TYR A 160 -0.93 6.84 -1.67
CA TYR A 160 -0.33 8.16 -1.92
C TYR A 160 -1.23 9.03 -2.77
N LEU A 161 -2.05 8.42 -3.64
CA LEU A 161 -3.04 9.19 -4.36
C LEU A 161 -4.01 9.90 -3.40
N LEU A 162 -4.47 9.20 -2.37
CA LEU A 162 -5.31 9.84 -1.36
C LEU A 162 -4.59 11.02 -0.72
N SER A 163 -3.33 10.83 -0.35
CA SER A 163 -2.55 11.91 0.27
C SER A 163 -2.49 13.15 -0.64
N LYS A 164 -2.17 12.96 -1.91
CA LYS A 164 -2.16 14.09 -2.85
C LYS A 164 -3.48 14.83 -2.79
N VAL A 165 -4.60 14.12 -2.86
CA VAL A 165 -5.91 14.78 -2.89
C VAL A 165 -6.16 15.51 -1.58
N GLU A 166 -5.68 14.97 -0.47
CA GLU A 166 -5.78 15.68 0.80
C GLU A 166 -4.77 16.80 0.92
N GLU A 167 -3.88 16.94 -0.06
CA GLU A 167 -2.73 17.85 0.01
C GLU A 167 -1.90 17.56 1.26
N LYS A 168 -1.54 16.29 1.43
CA LYS A 168 -0.73 15.83 2.55
C LYS A 168 0.47 15.05 2.05
N VAL A 169 1.49 14.98 2.89
CA VAL A 169 2.61 14.08 2.72
C VAL A 169 2.35 12.86 3.61
N GLY A 170 2.53 11.67 3.06
CA GLY A 170 2.27 10.47 3.82
C GLY A 170 3.46 9.56 3.96
N SER A 171 3.31 8.58 4.86
CA SER A 171 4.32 7.58 5.13
C SER A 171 3.63 6.33 5.70
N PRO A 172 4.16 5.14 5.40
CA PRO A 172 3.60 3.94 6.02
C PRO A 172 3.95 3.84 7.50
N GLU A 173 3.07 3.20 8.26
CA GLU A 173 3.26 3.08 9.70
C GLU A 173 4.46 2.20 10.01
N ARG A 174 5.35 2.72 10.82
CA ARG A 174 6.47 1.92 11.30
C ARG A 174 6.00 1.02 12.45
N PRO A 175 6.55 -0.22 12.56
CA PRO A 175 7.61 -0.79 11.73
C PRO A 175 7.08 -1.44 10.45
N LEU A 176 7.95 -1.53 9.45
CA LEU A 176 7.64 -2.18 8.18
C LEU A 176 8.18 -3.60 8.18
N SER A 177 7.36 -4.56 7.77
CA SER A 177 7.81 -5.94 7.59
C SER A 177 8.73 -6.05 6.37
N ASP A 178 9.41 -7.19 6.26
CA ASP A 178 10.32 -7.41 5.14
C ASP A 178 9.60 -7.33 3.80
N LEU A 179 8.45 -7.98 3.70
CA LEU A 179 7.68 -7.91 2.46
C LEU A 179 7.25 -6.48 2.18
N GLY A 180 6.87 -5.74 3.23
CA GLY A 180 6.44 -4.38 3.04
C GLY A 180 7.57 -3.46 2.63
N LEU A 181 8.74 -3.62 3.24
CA LEU A 181 9.88 -2.78 2.90
C LEU A 181 10.35 -3.04 1.46
N ILE A 182 10.31 -4.29 1.02
CA ILE A 182 10.66 -4.61 -0.37
C ILE A 182 9.67 -3.93 -1.32
N SER A 183 8.37 -3.98 -1.00
CA SER A 183 7.36 -3.40 -1.88
C SER A 183 7.43 -1.88 -1.88
N TYR A 184 7.60 -1.27 -0.71
CA TYR A 184 7.72 0.17 -0.64
C TYR A 184 8.98 0.67 -1.35
N ARG A 185 10.10 -0.02 -1.16
CA ARG A 185 11.33 0.38 -1.84
C ARG A 185 11.19 0.29 -3.36
N SER A 186 10.47 -0.73 -3.84
CA SER A 186 10.20 -0.83 -5.27
C SER A 186 9.34 0.33 -5.76
N TYR A 187 8.28 0.65 -5.02
CA TYR A 187 7.41 1.76 -5.39
C TYR A 187 8.17 3.09 -5.37
N TRP A 188 8.91 3.33 -4.29
CA TRP A 188 9.66 4.58 -4.16
C TRP A 188 10.66 4.76 -5.30
N LYS A 189 11.42 3.71 -5.61
CA LYS A 189 12.29 3.72 -6.78
C LYS A 189 11.52 4.13 -8.05
N GLU A 190 10.39 3.47 -8.31
CA GLU A 190 9.61 3.77 -9.50
C GLU A 190 9.24 5.26 -9.54
N VAL A 191 8.78 5.79 -8.40
CA VAL A 191 8.29 7.16 -8.35
C VAL A 191 9.46 8.14 -8.49
N LEU A 192 10.59 7.82 -7.87
CA LEU A 192 11.74 8.69 -7.96
C LEU A 192 12.30 8.75 -9.38
N LEU A 193 12.51 7.59 -10.01
CA LEU A 193 13.04 7.57 -11.39
C LEU A 193 12.08 8.23 -12.37
N ARG A 194 10.77 8.13 -12.11
CA ARG A 194 9.78 8.76 -12.98
C ARG A 194 9.85 10.29 -12.87
N TYR A 195 9.87 10.81 -11.65
CA TYR A 195 10.03 12.26 -11.45
C TYR A 195 11.28 12.78 -12.17
N LEU A 196 12.42 12.14 -11.90
CA LEU A 196 13.68 12.60 -12.47
C LEU A 196 13.73 12.44 -13.97
N HIS A 197 13.07 11.39 -14.49
CA HIS A 197 12.99 11.23 -15.93
C HIS A 197 12.20 12.38 -16.56
N ASN A 198 11.30 13.01 -15.81
CA ASN A 198 10.46 14.07 -16.36
C ASN A 198 10.93 15.48 -16.00
N PHE A 199 11.72 15.64 -14.95
CA PHE A 199 12.19 16.96 -14.57
C PHE A 199 13.30 17.41 -15.50
N GLN A 200 13.20 18.65 -16.00
CA GLN A 200 14.19 19.20 -16.90
C GLN A 200 15.11 20.21 -16.25
N GLY A 201 14.75 20.71 -15.07
CA GLY A 201 15.64 21.60 -14.34
C GLY A 201 16.92 20.90 -13.94
N LYS A 202 17.88 21.70 -13.49
CA LYS A 202 19.17 21.17 -13.09
C LYS A 202 19.41 21.27 -11.59
N GLU A 203 18.41 21.68 -10.83
CA GLU A 203 18.43 21.51 -9.40
C GLU A 203 17.03 21.29 -8.90
N ILE A 204 16.91 20.47 -7.86
CA ILE A 204 15.65 20.14 -7.24
C ILE A 204 15.90 20.01 -5.75
N SER A 205 14.87 20.27 -4.95
CA SER A 205 14.93 20.07 -3.52
C SER A 205 14.10 18.84 -3.14
N ILE A 206 14.48 18.22 -2.03
CA ILE A 206 13.73 17.08 -1.52
C ILE A 206 12.26 17.46 -1.29
N LYS A 207 12.04 18.65 -0.72
CA LYS A 207 10.69 19.09 -0.45
C LYS A 207 9.87 19.18 -1.72
N GLU A 208 10.51 19.61 -2.83
CA GLU A 208 9.82 19.68 -4.11
C GLU A 208 9.35 18.30 -4.57
N ILE A 209 10.25 17.31 -4.54
CA ILE A 209 9.89 15.95 -4.88
C ILE A 209 8.80 15.43 -3.94
N SER A 210 8.95 15.72 -2.65
CA SER A 210 7.99 15.26 -1.66
C SER A 210 6.60 15.83 -1.91
N GLN A 211 6.51 17.13 -2.17
CA GLN A 211 5.19 17.75 -2.32
C GLN A 211 4.50 17.30 -3.61
N GLU A 212 5.26 16.93 -4.63
CA GLU A 212 4.67 16.43 -5.88
C GLU A 212 4.17 14.98 -5.72
N THR A 213 4.91 14.17 -4.96
CA THR A 213 4.66 12.73 -4.90
C THR A 213 3.91 12.28 -3.65
N ALA A 214 3.73 13.16 -2.66
CA ALA A 214 3.19 12.86 -1.34
C ALA A 214 4.07 11.89 -0.54
N VAL A 215 5.24 11.51 -1.09
CA VAL A 215 6.19 10.64 -0.39
C VAL A 215 6.98 11.47 0.62
N ASN A 216 7.28 10.87 1.78
CA ASN A 216 7.93 11.59 2.86
C ASN A 216 9.40 11.90 2.52
N PRO A 217 9.91 13.08 2.93
CA PRO A 217 11.29 13.43 2.57
C PRO A 217 12.32 12.39 3.00
N VAL A 218 12.10 11.75 4.16
CA VAL A 218 13.08 10.79 4.67
C VAL A 218 13.13 9.54 3.80
N ASP A 219 11.98 9.07 3.33
CA ASP A 219 11.95 7.93 2.42
C ASP A 219 12.51 8.30 1.04
N ILE A 220 12.31 9.54 0.60
CA ILE A 220 12.95 10.01 -0.64
C ILE A 220 14.46 9.93 -0.51
N VAL A 221 15.01 10.58 0.53
CA VAL A 221 16.45 10.54 0.74
C VAL A 221 16.94 9.11 0.87
N SER A 222 16.12 8.24 1.48
CA SER A 222 16.52 6.86 1.71
C SER A 222 16.55 6.07 0.40
N THR A 223 15.60 6.35 -0.49
CA THR A 223 15.61 5.74 -1.81
C THR A 223 16.80 6.23 -2.63
N LEU A 224 17.03 7.54 -2.61
CA LEU A 224 18.24 8.08 -3.25
C LEU A 224 19.48 7.33 -2.79
N GLN A 225 19.61 7.10 -1.47
CA GLN A 225 20.76 6.33 -0.96
C GLN A 225 20.76 4.91 -1.50
N ALA A 226 19.60 4.26 -1.49
CA ALA A 226 19.52 2.87 -1.96
C ALA A 226 19.96 2.76 -3.43
N LEU A 227 19.57 3.76 -4.24
CA LEU A 227 19.95 3.83 -5.64
C LEU A 227 21.36 4.35 -5.86
N GLN A 228 22.06 4.73 -4.79
CA GLN A 228 23.40 5.32 -4.88
C GLN A 228 23.40 6.53 -5.82
N MET A 229 22.43 7.40 -5.60
CA MET A 229 22.24 8.60 -6.40
C MET A 229 22.55 9.87 -5.62
N LEU A 230 22.96 9.74 -4.35
CA LEU A 230 23.43 10.87 -3.57
C LEU A 230 24.95 10.85 -3.54
N LYS A 231 25.57 11.75 -4.29
CA LYS A 231 27.02 11.85 -4.31
C LYS A 231 27.47 13.14 -3.63
N TYR A 232 28.76 13.19 -3.33
CA TYR A 232 29.39 14.35 -2.71
C TYR A 232 30.58 14.74 -3.56
N TRP A 233 30.56 15.97 -4.06
CA TRP A 233 31.68 16.52 -4.82
C TRP A 233 31.85 17.96 -4.40
N LYS A 234 33.11 18.35 -4.14
CA LYS A 234 33.44 19.66 -3.58
C LYS A 234 32.75 19.83 -2.22
N GLY A 235 31.74 20.70 -2.16
CA GLY A 235 31.17 21.06 -0.87
C GLY A 235 29.77 20.55 -0.59
N LYS A 236 28.96 20.33 -1.62
CA LYS A 236 27.55 20.03 -1.44
C LYS A 236 27.20 18.65 -1.98
N HIS A 237 25.95 18.27 -1.82
CA HIS A 237 25.44 17.00 -2.31
C HIS A 237 24.74 17.19 -3.64
N LEU A 238 24.90 16.20 -4.51
CA LEU A 238 24.34 16.23 -5.84
C LEU A 238 23.53 14.98 -6.07
N VAL A 239 22.57 15.08 -6.98
CA VAL A 239 21.79 13.96 -7.43
C VAL A 239 22.39 13.44 -8.73
N LEU A 240 22.71 12.15 -8.77
CA LEU A 240 23.30 11.49 -9.93
C LEU A 240 22.21 10.81 -10.75
N LYS A 241 21.93 11.36 -11.93
CA LYS A 241 20.90 10.79 -12.81
C LYS A 241 21.53 9.62 -13.55
N ARG A 242 21.42 8.43 -12.97
CA ARG A 242 22.08 7.24 -13.53
C ARG A 242 21.33 6.76 -14.77
N GLN A 243 22.04 6.68 -15.89
CA GLN A 243 21.43 6.36 -17.17
C GLN A 243 20.75 5.00 -17.13
N ASP A 244 21.54 3.98 -16.76
CA ASP A 244 21.03 2.61 -16.68
C ASP A 244 19.78 2.51 -15.82
N LEU A 245 19.80 3.14 -14.65
CA LEU A 245 18.66 3.06 -13.74
C LEU A 245 17.38 3.59 -14.37
N ILE A 246 17.46 4.67 -15.14
CA ILE A 246 16.27 5.12 -15.84
C ILE A 246 16.08 4.31 -17.12
N ASP A 247 17.17 3.82 -17.72
CA ASP A 247 17.06 2.94 -18.88
C ASP A 247 16.29 1.66 -18.53
N GLU A 248 16.68 1.01 -17.44
CA GLU A 248 15.93 -0.17 -16.99
C GLU A 248 14.50 0.20 -16.58
N TRP A 249 14.30 1.44 -16.11
CA TRP A 249 12.98 1.84 -15.63
C TRP A 249 11.97 1.99 -16.78
N ILE A 250 12.40 2.51 -17.93
CA ILE A 250 11.47 2.64 -19.06
C ILE A 250 11.10 1.27 -19.62
N ALA A 251 12.05 0.34 -19.63
CA ALA A 251 11.77 -1.03 -20.03
C ALA A 251 10.80 -1.69 -19.05
N LYS A 252 11.06 -1.50 -17.75
CA LYS A 252 10.20 -2.07 -16.72
C LYS A 252 8.81 -1.42 -16.74
N GLU A 253 8.75 -0.10 -16.87
CA GLU A 253 7.47 0.58 -16.84
C GLU A 253 6.65 0.28 -18.09
N ALA A 254 7.31 -0.02 -19.20
CA ALA A 254 6.61 -0.50 -20.39
C ALA A 254 5.83 -1.79 -20.09
N LYS A 255 6.48 -2.72 -19.40
CA LYS A 255 5.83 -3.99 -19.06
C LYS A 255 4.69 -3.77 -18.07
N ARG A 256 4.81 -2.77 -17.19
CA ARG A 256 3.75 -2.47 -16.22
C ARG A 256 2.47 -2.02 -16.91
N SER A 257 2.59 -1.04 -17.80
CA SER A 257 1.44 -0.55 -18.56
C SER A 257 0.79 -1.67 -19.39
N ASN A 258 1.63 -2.46 -20.07
CA ASN A 258 1.18 -3.60 -20.86
C ASN A 258 0.23 -4.53 -20.10
N SER A 259 0.46 -4.70 -18.81
CA SER A 259 -0.34 -5.60 -17.97
C SER A 259 -1.48 -4.90 -17.25
N ASN A 260 -1.65 -3.59 -17.46
CA ASN A 260 -2.77 -2.80 -16.93
C ASN A 260 -2.77 -2.70 -15.42
N LYS A 261 -1.69 -3.11 -14.76
CA LYS A 261 -1.60 -3.05 -13.29
C LYS A 261 -1.18 -1.66 -12.81
N THR A 262 -2.00 -0.67 -13.15
CA THR A 262 -1.78 0.71 -12.72
C THR A 262 -3.05 1.33 -12.17
N MET A 263 -2.90 2.20 -11.18
CA MET A 263 -3.99 3.06 -10.72
C MET A 263 -4.03 4.34 -11.54
N ASP A 264 -5.24 4.76 -11.90
CA ASP A 264 -5.46 5.87 -12.83
C ASP A 264 -6.17 7.00 -12.07
N PRO A 265 -5.49 8.13 -11.82
CA PRO A 265 -6.06 9.17 -10.96
C PRO A 265 -7.42 9.67 -11.40
N SER A 266 -7.65 9.73 -12.72
CA SER A 266 -8.93 10.20 -13.23
C SER A 266 -10.08 9.26 -12.91
N CYS A 267 -9.80 8.07 -12.40
CA CYS A 267 -10.86 7.14 -12.00
C CYS A 267 -11.16 7.23 -10.50
N LEU A 268 -10.57 8.21 -9.81
CA LEU A 268 -10.86 8.43 -8.40
C LEU A 268 -11.92 9.52 -8.27
N LYS A 269 -13.08 9.15 -7.72
CA LYS A 269 -14.11 10.13 -7.36
C LYS A 269 -14.16 10.11 -5.83
N TRP A 270 -13.55 11.12 -5.22
CA TRP A 270 -13.33 11.10 -3.77
C TRP A 270 -13.11 12.50 -3.25
N THR A 271 -13.80 12.82 -2.16
CA THR A 271 -13.46 13.95 -1.32
C THR A 271 -13.18 13.41 0.09
N PRO A 272 -12.10 13.86 0.74
CA PRO A 272 -11.70 13.26 2.02
C PRO A 272 -12.84 13.26 3.03
N PRO A 273 -13.02 12.17 3.74
CA PRO A 273 -14.15 12.05 4.65
C PRO A 273 -13.92 12.65 6.03
N LYS A 274 -14.98 13.25 6.59
CA LYS A 274 -15.09 13.76 7.99
C LYS A 274 -13.89 14.49 8.65
N GLY A 275 -13.15 15.23 7.84
CA GLY A 275 -11.94 15.93 8.17
C GLY A 275 -11.69 17.02 7.12
N THR A 276 -12.64 17.18 6.19
CA THR A 276 -12.67 18.23 5.15
C THR A 276 -14.06 18.27 4.50
N GLN B 7 14.62 23.36 10.26
CA GLN B 7 15.44 22.30 10.91
C GLN B 7 14.97 20.90 10.52
N GLY B 8 15.01 20.62 9.23
CA GLY B 8 14.82 19.28 8.70
C GLY B 8 16.09 18.82 8.01
N MET B 9 16.75 17.82 8.58
CA MET B 9 18.04 17.35 8.07
C MET B 9 18.12 15.83 8.24
N VAL B 10 18.86 15.18 7.34
CA VAL B 10 19.02 13.74 7.34
C VAL B 10 20.50 13.38 7.39
N GLU B 11 20.81 12.29 8.09
CA GLU B 11 22.19 11.80 8.14
C GLU B 11 22.27 10.42 7.48
N ILE B 12 23.41 10.15 6.85
CA ILE B 12 23.86 8.82 6.44
C ILE B 12 25.22 8.93 5.78
N GLU B 13 25.76 7.80 5.39
CA GLU B 13 27.11 7.78 4.90
C GLU B 13 27.20 7.37 3.49
N ILE B 14 28.06 8.08 2.78
CA ILE B 14 28.39 7.85 1.38
C ILE B 14 29.87 7.63 1.19
N GLU B 15 30.20 6.44 0.71
CA GLU B 15 31.56 6.04 0.43
C GLU B 15 32.46 6.28 1.62
N GLY B 16 32.10 5.66 2.74
CA GLY B 16 32.84 5.75 3.99
C GLY B 16 33.03 7.18 4.48
N ARG B 17 31.93 7.92 4.56
CA ARG B 17 31.95 9.34 4.89
C ARG B 17 30.55 9.71 5.37
N LEU B 18 30.42 10.08 6.64
CA LEU B 18 29.12 10.46 7.16
C LEU B 18 28.71 11.83 6.62
N HIS B 19 27.45 11.94 6.20
CA HIS B 19 26.98 13.16 5.54
C HIS B 19 25.63 13.57 6.10
N ARG B 20 25.22 14.80 5.77
CA ARG B 20 24.06 15.45 6.35
C ARG B 20 23.45 16.42 5.33
N ILE B 21 22.16 16.28 5.05
CA ILE B 21 21.56 16.89 3.87
C ILE B 21 20.30 17.66 4.23
N SER B 22 20.17 18.85 3.67
CA SER B 22 19.00 19.70 3.86
C SER B 22 17.88 19.29 2.91
N ILE B 23 16.65 19.50 3.38
CA ILE B 23 15.44 19.18 2.65
C ILE B 23 14.93 20.31 1.77
N PHE B 24 15.37 21.53 2.04
CA PHE B 24 14.90 22.70 1.29
C PHE B 24 15.92 23.27 0.34
N ASP B 25 17.21 22.99 0.56
CA ASP B 25 18.25 23.50 -0.34
C ASP B 25 18.14 22.79 -1.68
N PRO B 26 18.11 23.56 -2.79
CA PRO B 26 18.26 22.95 -4.11
C PRO B 26 19.51 22.08 -4.20
N LEU B 27 19.35 20.87 -4.71
CA LEU B 27 20.46 19.97 -4.99
C LEU B 27 20.66 19.87 -6.48
N GLU B 28 21.92 19.77 -6.91
CA GLU B 28 22.24 19.81 -8.32
C GLU B 28 22.18 18.41 -8.94
N ILE B 29 21.52 18.32 -10.10
CA ILE B 29 21.39 17.09 -10.87
C ILE B 29 22.47 17.01 -11.94
N ILE B 30 23.06 15.82 -12.11
CA ILE B 30 24.17 15.58 -13.04
C ILE B 30 23.98 14.24 -13.73
N LEU B 31 24.73 14.02 -14.81
CA LEU B 31 24.60 12.81 -15.62
C LEU B 31 25.75 11.83 -15.42
N GLU B 32 26.94 12.18 -15.92
CA GLU B 32 28.14 11.36 -15.76
C GLU B 32 29.34 12.20 -16.18
N ASP B 33 29.94 12.92 -15.23
CA ASP B 33 30.99 13.87 -15.58
C ASP B 33 32.25 13.67 -14.74
N ASP B 34 32.09 13.65 -13.42
CA ASP B 34 33.21 13.35 -12.51
C ASP B 34 32.73 12.77 -11.18
ZN ZN C . -21.90 -13.28 3.53
O9 BCO D . 11.04 -4.76 -7.86
P1 BCO D . 9.66 -5.38 -8.07
O5 BCO D . 8.71 -4.37 -8.70
O6 BCO D . 9.79 -6.54 -8.93
O2 BCO D . 9.13 -5.84 -6.57
C1 BCO D . 7.80 -6.35 -6.36
C2 BCO D . 7.86 -7.65 -6.12
O3 BCO D . 8.79 -8.36 -7.02
C4 BCO D . 8.37 -7.67 -4.65
N1 BCO D . 8.17 -8.81 -3.98
C7 BCO D . 6.86 -8.98 -3.85
N2 BCO D . 6.66 -10.13 -3.16
C8 BCO D . 7.85 -10.66 -2.88
C6 BCO D . 8.79 -9.85 -3.37
N3 BCO D . 10.10 -10.15 -3.24
C15 BCO D . 10.47 -11.28 -2.58
N4 BCO D . 9.52 -12.10 -2.07
C12 BCO D . 8.23 -11.81 -2.21
N5 BCO D . 7.48 -12.86 -1.57
O1 BCO D . 7.61 -6.48 -3.99
C3 BCO D . 7.27 -5.67 -4.97
C5 BCO D . 5.77 -5.44 -4.94
O4 BCO D . 5.16 -6.34 -5.86
P2 BCO D . 3.51 -6.47 -5.87
O12 BCO D . 2.87 -5.11 -6.22
O10 BCO D . 3.10 -7.57 -6.84
O7 BCO D . 3.13 -6.77 -4.31
P3 BCO D . 2.13 -7.85 -3.69
O14 BCO D . 0.75 -7.82 -4.46
O13 BCO D . 2.81 -9.17 -3.72
O8 BCO D . 1.91 -7.26 -2.14
C11 BCO D . 3.01 -6.83 -1.33
C9 BCO D . 2.46 -6.85 0.13
C13 BCO D . 3.49 -6.32 1.08
C14 BCO D . 1.23 -6.03 0.17
C10 BCO D . 2.16 -8.36 0.33
O11 BCO D . 3.34 -9.09 0.18
C16 BCO D . 1.54 -8.77 1.65
O15 BCO D . 0.41 -8.57 1.88
N6 BCO D . 2.42 -9.52 2.62
C17 BCO D . 1.97 -10.04 3.91
C18 BCO D . 1.36 -8.94 4.84
C19 BCO D . 2.35 -7.87 5.02
O16 BCO D . 3.47 -8.13 5.29
N7 BCO D . 1.89 -6.49 4.89
C20 BCO D . 2.86 -5.35 5.10
C21 BCO D . 3.18 -5.29 6.64
S1 BCO D . 3.89 -3.68 6.95
C22 BCO D . 2.60 -2.72 7.80
O17 BCO D . 1.50 -3.23 7.98
C23 BCO D . 2.93 -1.25 8.30
C24 BCO D . 2.36 -0.20 7.35
C25 BCO D . 2.68 -0.51 5.87
CL CL E . -17.03 -13.12 -15.46
C1 EDO F . 2.45 1.81 -9.93
O1 EDO F . 2.56 1.88 -11.37
C2 EDO F . 1.10 1.21 -9.53
O2 EDO F . -0.01 2.02 -10.01
#